data_5MKD
#
_entry.id   5MKD
#
_cell.length_a   121.405
_cell.length_b   128.306
_cell.length_c   84.327
_cell.angle_alpha   90.000
_cell.angle_beta   90.000
_cell.angle_gamma   90.000
#
_symmetry.space_group_name_H-M   'C 2 2 2'
#
loop_
_entity.id
_entity.type
_entity.pdbx_description
1 polymer Ywea
2 water water
#
_entity_poly.entity_id   1
_entity_poly.type   'polypeptide(L)'
_entity_poly.pdbx_seq_one_letter_code
;QSASIEAKTVNSTKEWTISDIEVTYKPNAVLSLGAVEFQFPDGFHATTRDSVNGRTLKETQILNDGKTVRLPLTLDLLGA
SEFDLVMVRKTLPRAGTYTIKGDVVNGLGIGSFYAETQLVIDPR
;
_entity_poly.pdbx_strand_id   A,B,C,D
#
# COMPACT_ATOMS: atom_id res chain seq x y z
N GLN A 1 -20.33 -21.98 -29.13
CA GLN A 1 -20.71 -21.32 -30.43
C GLN A 1 -20.36 -19.85 -30.35
N SER A 2 -20.98 -19.19 -29.38
CA SER A 2 -20.98 -17.74 -29.31
C SER A 2 -19.72 -17.19 -28.71
N ALA A 3 -19.14 -16.20 -29.37
CA ALA A 3 -18.10 -15.39 -28.78
C ALA A 3 -18.64 -14.69 -27.54
N SER A 4 -17.83 -14.58 -26.50
CA SER A 4 -18.24 -13.85 -25.32
C SER A 4 -17.27 -12.70 -24.99
N ILE A 5 -17.75 -11.78 -24.17
CA ILE A 5 -16.91 -10.73 -23.67
C ILE A 5 -17.39 -10.37 -22.28
N GLU A 6 -16.48 -9.91 -21.44
CA GLU A 6 -16.79 -9.68 -20.05
C GLU A 6 -15.93 -8.52 -19.54
N ALA A 7 -16.54 -7.62 -18.78
CA ALA A 7 -15.84 -6.44 -18.26
C ALA A 7 -16.04 -6.28 -16.74
N LYS A 8 -15.04 -5.77 -16.02
CA LYS A 8 -15.16 -5.55 -14.58
C LYS A 8 -14.31 -4.37 -14.33
N THR A 9 -14.72 -3.54 -13.37
CA THR A 9 -13.82 -2.54 -12.79
C THR A 9 -13.30 -3.11 -11.45
N VAL A 10 -11.99 -3.31 -11.41
CA VAL A 10 -11.36 -4.20 -10.47
C VAL A 10 -11.13 -3.59 -9.08
N ASN A 11 -10.87 -2.31 -9.00
CA ASN A 11 -10.43 -1.73 -7.73
C ASN A 11 -11.52 -0.97 -7.04
N SER A 12 -12.66 -0.83 -7.71
CA SER A 12 -13.63 0.20 -7.41
C SER A 12 -14.73 0.15 -8.44
N THR A 13 -15.82 0.81 -8.14
CA THR A 13 -17.00 0.69 -8.96
C THR A 13 -17.76 2.02 -9.14
N LYS A 14 -17.24 3.11 -8.58
CA LYS A 14 -17.98 4.36 -8.52
C LYS A 14 -17.46 5.43 -9.48
N GLU A 15 -18.41 6.12 -10.13
CA GLU A 15 -18.10 7.30 -10.88
C GLU A 15 -17.03 8.18 -10.26
N TRP A 16 -16.05 8.52 -11.07
CA TRP A 16 -14.99 9.49 -10.79
C TRP A 16 -13.88 8.99 -9.89
N THR A 17 -13.95 7.74 -9.44
CA THR A 17 -12.83 7.11 -8.73
C THR A 17 -11.96 6.36 -9.70
N ILE A 18 -10.77 5.97 -9.26
CA ILE A 18 -9.74 5.39 -10.10
C ILE A 18 -9.67 3.88 -9.97
N SER A 19 -9.64 3.21 -11.11
CA SER A 19 -9.65 1.77 -11.14
C SER A 19 -9.10 1.26 -12.46
N ASP A 20 -8.58 0.04 -12.39
CA ASP A 20 -8.23 -0.73 -13.56
C ASP A 20 -9.53 -1.25 -14.13
N ILE A 21 -9.60 -1.42 -15.43
CA ILE A 21 -10.77 -2.07 -16.04
C ILE A 21 -10.25 -3.27 -16.78
N GLU A 22 -10.76 -4.45 -16.49
CA GLU A 22 -10.38 -5.70 -17.19
C GLU A 22 -11.50 -6.12 -18.10
N VAL A 23 -11.18 -6.27 -19.38
CA VAL A 23 -12.12 -6.73 -20.37
C VAL A 23 -11.49 -7.89 -21.05
N THR A 24 -12.19 -9.00 -21.07
CA THR A 24 -11.77 -10.24 -21.68
C THR A 24 -12.77 -10.67 -22.75
N TYR A 25 -12.27 -10.85 -23.97
CA TYR A 25 -13.06 -11.32 -25.12
C TYR A 25 -12.52 -12.68 -25.51
N LYS A 26 -13.40 -13.66 -25.70
CA LYS A 26 -13.04 -14.96 -26.22
C LYS A 26 -13.89 -15.25 -27.46
N PRO A 27 -13.25 -15.58 -28.59
CA PRO A 27 -13.99 -15.90 -29.79
C PRO A 27 -14.58 -17.31 -29.80
N ASN A 28 -14.21 -18.17 -28.84
CA ASN A 28 -14.75 -19.52 -28.76
C ASN A 28 -14.72 -20.25 -30.12
N ALA A 29 -13.69 -19.96 -30.91
CA ALA A 29 -13.50 -20.57 -32.22
C ALA A 29 -12.09 -20.25 -32.70
N VAL A 30 -11.64 -20.92 -33.76
CA VAL A 30 -10.24 -20.78 -34.16
C VAL A 30 -10.12 -19.57 -35.04
N LEU A 31 -8.98 -18.89 -34.93
CA LEU A 31 -8.76 -17.64 -35.64
C LEU A 31 -7.52 -17.79 -36.45
N SER A 32 -7.49 -17.09 -37.59
CA SER A 32 -6.32 -17.03 -38.46
C SER A 32 -6.18 -15.65 -39.14
N LEU A 33 -7.25 -15.11 -39.70
CA LEU A 33 -7.14 -13.85 -40.40
C LEU A 33 -8.05 -12.83 -39.79
N GLY A 34 -7.68 -11.57 -39.94
CA GLY A 34 -8.44 -10.47 -39.38
C GLY A 34 -7.71 -9.77 -38.25
N ALA A 35 -8.51 -9.16 -37.39
CA ALA A 35 -8.03 -8.45 -36.26
C ALA A 35 -9.12 -8.46 -35.19
N VAL A 36 -8.68 -8.55 -33.92
CA VAL A 36 -9.60 -8.47 -32.78
C VAL A 36 -9.87 -6.99 -32.47
N GLU A 37 -11.12 -6.67 -32.15
CA GLU A 37 -11.52 -5.30 -31.93
C GLU A 37 -12.41 -5.16 -30.72
N PHE A 38 -12.04 -4.25 -29.83
CA PHE A 38 -12.84 -3.90 -28.70
C PHE A 38 -13.39 -2.53 -29.04
N GLN A 39 -14.68 -2.32 -28.77
CA GLN A 39 -15.36 -1.03 -28.96
C GLN A 39 -15.90 -0.50 -27.63
N PHE A 40 -15.46 0.68 -27.24
CA PHE A 40 -16.01 1.36 -26.09
C PHE A 40 -16.80 2.59 -26.53
N PRO A 41 -17.85 2.97 -25.75
CA PRO A 41 -18.51 4.24 -25.86
C PRO A 41 -17.71 5.32 -25.14
N ASP A 42 -18.26 6.54 -25.10
CA ASP A 42 -17.59 7.68 -24.49
C ASP A 42 -17.54 7.48 -22.99
N GLY A 43 -16.49 8.02 -22.40
CA GLY A 43 -16.17 7.78 -20.99
C GLY A 43 -14.96 6.87 -20.83
N PHE A 44 -14.58 6.13 -21.87
CA PHE A 44 -13.38 5.27 -21.83
C PHE A 44 -12.43 5.62 -22.93
N HIS A 45 -11.16 5.40 -22.66
CA HIS A 45 -10.06 5.96 -23.42
C HIS A 45 -8.93 4.97 -23.22
N ALA A 46 -8.50 4.31 -24.29
CA ALA A 46 -7.28 3.47 -24.24
C ALA A 46 -6.02 4.31 -24.57
N THR A 47 -4.86 3.96 -24.02
CA THR A 47 -3.61 4.67 -24.32
C THR A 47 -2.54 3.65 -24.53
N THR A 48 -1.34 4.08 -24.91
CA THR A 48 -0.29 3.10 -25.09
C THR A 48 0.30 2.60 -23.79
N ARG A 49 -0.32 2.93 -22.65
CA ARG A 49 0.05 2.37 -21.34
C ARG A 49 -0.81 1.15 -20.99
N ASP A 50 -2.01 1.09 -21.58
CA ASP A 50 -2.88 -0.09 -21.45
C ASP A 50 -2.29 -1.31 -22.15
N SER A 51 -2.88 -2.49 -21.99
CA SER A 51 -2.26 -3.71 -22.49
C SER A 51 -3.26 -4.72 -22.92
N VAL A 52 -2.84 -5.61 -23.82
CA VAL A 52 -3.60 -6.84 -24.17
C VAL A 52 -2.64 -7.99 -24.10
N ASN A 53 -3.03 -9.07 -23.43
CA ASN A 53 -2.14 -10.22 -23.25
C ASN A 53 -0.71 -9.83 -22.87
N GLY A 54 -0.56 -8.89 -21.96
CA GLY A 54 0.78 -8.58 -21.50
C GLY A 54 1.61 -7.68 -22.41
N ARG A 55 0.98 -7.01 -23.37
CA ARG A 55 1.70 -6.15 -24.32
C ARG A 55 1.03 -4.83 -24.29
N THR A 56 1.82 -3.76 -24.16
CA THR A 56 1.29 -2.38 -24.13
C THR A 56 0.81 -2.09 -25.53
N LEU A 57 -0.33 -1.46 -25.66
CA LEU A 57 -0.87 -1.12 -26.96
C LEU A 57 0.03 -0.16 -27.73
N LYS A 58 -0.02 -0.25 -29.06
CA LYS A 58 0.73 0.65 -29.95
C LYS A 58 -0.25 1.65 -30.55
N GLU A 59 0.26 2.78 -31.00
CA GLU A 59 -0.59 3.88 -31.47
C GLU A 59 -1.49 3.46 -32.62
N THR A 60 -0.96 2.58 -33.45
CA THR A 60 -1.71 2.06 -34.59
C THR A 60 -2.86 1.14 -34.26
N GLN A 61 -2.90 0.63 -33.03
CA GLN A 61 -3.98 -0.23 -32.57
C GLN A 61 -5.00 0.57 -31.81
N ILE A 62 -4.76 1.83 -31.58
CA ILE A 62 -5.73 2.66 -30.85
C ILE A 62 -6.35 3.65 -31.83
N LEU A 63 -7.68 3.66 -31.91
CA LEU A 63 -8.35 4.54 -32.85
C LEU A 63 -9.54 5.19 -32.19
N ASN A 64 -10.12 6.15 -32.89
CA ASN A 64 -11.42 6.63 -32.55
C ASN A 64 -11.42 7.40 -31.23
N ASP A 65 -10.34 8.13 -30.99
CA ASP A 65 -10.16 8.93 -29.77
C ASP A 65 -9.99 8.00 -28.56
N GLY A 66 -9.34 6.86 -28.78
CA GLY A 66 -9.09 5.90 -27.73
C GLY A 66 -10.19 4.89 -27.49
N LYS A 67 -11.30 4.95 -28.22
CA LYS A 67 -12.46 4.15 -27.86
C LYS A 67 -12.47 2.80 -28.55
N THR A 68 -11.48 2.57 -29.40
CA THR A 68 -11.46 1.40 -30.25
C THR A 68 -10.06 0.86 -30.24
N VAL A 69 -9.95 -0.44 -30.04
CA VAL A 69 -8.65 -1.09 -30.00
C VAL A 69 -8.72 -2.21 -31.03
N ARG A 70 -7.79 -2.21 -31.99
CA ARG A 70 -7.87 -3.16 -33.11
C ARG A 70 -6.54 -3.79 -33.26
N LEU A 71 -6.52 -5.12 -33.12
CA LEU A 71 -5.28 -5.86 -33.09
C LEU A 71 -5.22 -6.89 -34.20
N PRO A 72 -4.41 -6.60 -35.20
CA PRO A 72 -4.12 -7.58 -36.20
C PRO A 72 -3.62 -8.84 -35.54
N LEU A 73 -4.08 -9.97 -36.06
CA LEU A 73 -3.70 -11.28 -35.56
C LEU A 73 -2.29 -11.64 -35.97
N THR A 74 -1.32 -11.15 -35.20
CA THR A 74 0.06 -11.52 -35.40
C THR A 74 0.31 -12.86 -34.70
N LEU A 75 1.52 -13.41 -34.82
CA LEU A 75 1.79 -14.72 -34.19
C LEU A 75 1.49 -14.78 -32.71
N ASP A 76 1.96 -13.77 -31.97
CA ASP A 76 1.64 -13.68 -30.55
C ASP A 76 0.15 -13.72 -30.18
N LEU A 77 -0.70 -13.23 -31.05
CA LEU A 77 -2.11 -13.22 -30.75
C LEU A 77 -2.74 -14.54 -31.19
N LEU A 78 -2.28 -15.09 -32.30
CA LEU A 78 -2.85 -16.34 -32.83
C LEU A 78 -2.83 -17.54 -31.87
N GLY A 79 -1.79 -17.66 -31.04
CA GLY A 79 -1.80 -18.71 -30.01
C GLY A 79 -3.06 -18.78 -29.12
N ALA A 80 -3.77 -17.67 -28.98
CA ALA A 80 -4.49 -17.40 -27.76
C ALA A 80 -5.95 -17.76 -27.79
N SER A 81 -6.45 -18.35 -26.72
CA SER A 81 -7.87 -18.65 -26.63
C SER A 81 -8.63 -17.42 -26.16
N GLU A 82 -7.93 -16.45 -25.58
CA GLU A 82 -8.59 -15.22 -25.14
C GLU A 82 -7.71 -13.98 -25.08
N PHE A 83 -8.41 -12.84 -25.06
CA PHE A 83 -7.78 -11.53 -25.26
C PHE A 83 -8.12 -10.65 -24.09
N ASP A 84 -7.18 -10.56 -23.17
CA ASP A 84 -7.39 -9.92 -21.90
C ASP A 84 -6.86 -8.51 -22.00
N LEU A 85 -7.77 -7.57 -22.06
CA LEU A 85 -7.43 -6.15 -22.18
C LEU A 85 -7.41 -5.59 -20.78
N VAL A 86 -6.41 -4.79 -20.46
CA VAL A 86 -6.38 -4.09 -19.18
C VAL A 86 -6.20 -2.59 -19.34
N MET A 87 -7.12 -1.84 -18.73
CA MET A 87 -7.07 -0.39 -18.70
C MET A 87 -6.60 0.06 -17.32
N VAL A 88 -5.44 0.70 -17.28
CA VAL A 88 -4.75 0.96 -16.03
C VAL A 88 -5.15 2.28 -15.30
N ARG A 89 -5.66 2.15 -14.09
CA ARG A 89 -5.96 3.31 -13.27
C ARG A 89 -6.70 4.41 -14.03
N LYS A 90 -7.87 4.04 -14.52
CA LYS A 90 -8.68 4.97 -15.26
C LYS A 90 -9.54 5.62 -14.28
N THR A 91 -9.80 6.90 -14.48
CA THR A 91 -10.94 7.59 -13.85
C THR A 91 -12.25 7.07 -14.44
N LEU A 92 -13.14 6.53 -13.62
CA LEU A 92 -14.36 5.95 -14.13
C LEU A 92 -15.31 7.08 -14.47
N PRO A 93 -16.10 6.93 -15.55
CA PRO A 93 -17.02 7.98 -16.01
C PRO A 93 -18.28 8.06 -15.13
N ARG A 94 -19.26 8.85 -15.56
CA ARG A 94 -20.47 9.04 -14.79
C ARG A 94 -21.27 7.75 -14.64
N ALA A 95 -22.00 7.65 -13.52
CA ALA A 95 -22.91 6.54 -13.26
C ALA A 95 -23.75 6.24 -14.47
N GLY A 96 -23.88 4.95 -14.76
CA GLY A 96 -24.75 4.47 -15.79
C GLY A 96 -24.32 3.09 -16.22
N THR A 97 -24.90 2.61 -17.30
CA THR A 97 -24.59 1.32 -17.85
C THR A 97 -23.97 1.64 -19.19
N TYR A 98 -23.07 0.76 -19.63
CA TYR A 98 -22.27 1.06 -20.79
C TYR A 98 -22.09 -0.22 -21.48
N THR A 99 -22.19 -0.18 -22.81
CA THR A 99 -22.10 -1.38 -23.63
C THR A 99 -20.71 -1.41 -24.18
N ILE A 100 -20.02 -2.53 -23.92
CA ILE A 100 -18.68 -2.68 -24.45
C ILE A 100 -18.67 -3.93 -25.32
N LYS A 101 -18.07 -3.79 -26.49
CA LYS A 101 -18.25 -4.75 -27.58
C LYS A 101 -16.91 -5.35 -28.01
N GLY A 102 -16.95 -6.60 -28.45
CA GLY A 102 -15.81 -7.24 -29.11
C GLY A 102 -16.23 -7.92 -30.41
N ASP A 103 -15.29 -8.06 -31.31
CA ASP A 103 -15.55 -8.73 -32.58
C ASP A 103 -14.25 -9.06 -33.27
N VAL A 104 -14.34 -9.81 -34.37
CA VAL A 104 -13.19 -10.03 -35.25
C VAL A 104 -13.49 -9.44 -36.63
N VAL A 105 -12.64 -8.52 -37.06
CA VAL A 105 -12.90 -7.71 -38.22
C VAL A 105 -11.82 -7.97 -39.26
N ASN A 106 -12.18 -7.74 -40.53
CA ASN A 106 -11.32 -8.03 -41.67
C ASN A 106 -10.96 -9.50 -41.75
N GLY A 107 -11.85 -10.36 -41.25
CA GLY A 107 -11.66 -11.81 -41.35
C GLY A 107 -12.20 -12.33 -42.67
N LEU A 108 -12.45 -13.64 -42.71
CA LEU A 108 -13.15 -14.25 -43.85
C LEU A 108 -14.58 -13.72 -44.04
N GLY A 109 -15.17 -13.20 -42.96
CA GLY A 109 -16.50 -12.58 -43.02
C GLY A 109 -17.62 -13.58 -42.81
N ILE A 110 -17.25 -14.82 -42.51
CA ILE A 110 -18.22 -15.92 -42.34
C ILE A 110 -18.14 -16.38 -40.89
N GLY A 111 -19.02 -15.88 -40.03
CA GLY A 111 -18.99 -16.33 -38.65
C GLY A 111 -19.66 -15.49 -37.60
N SER A 112 -20.05 -16.16 -36.52
CA SER A 112 -20.65 -15.52 -35.38
C SER A 112 -19.82 -14.29 -34.99
N PHE A 113 -18.73 -14.53 -34.27
CA PHE A 113 -17.78 -13.50 -33.72
C PHE A 113 -18.24 -12.25 -32.94
N TYR A 114 -19.28 -11.53 -33.34
CA TYR A 114 -19.70 -10.38 -32.52
C TYR A 114 -19.96 -10.83 -31.09
N ALA A 115 -19.73 -9.93 -30.13
CA ALA A 115 -20.15 -10.12 -28.71
C ALA A 115 -20.13 -8.80 -27.99
N GLU A 116 -20.90 -8.72 -26.92
CA GLU A 116 -21.13 -7.46 -26.20
C GLU A 116 -21.61 -7.71 -24.78
N THR A 117 -21.45 -6.70 -23.92
CA THR A 117 -21.71 -6.84 -22.47
C THR A 117 -21.92 -5.46 -21.81
N GLN A 118 -22.53 -5.42 -20.63
CA GLN A 118 -22.85 -4.16 -19.95
C GLN A 118 -21.97 -3.99 -18.73
N LEU A 119 -21.31 -2.85 -18.64
CA LEU A 119 -20.50 -2.52 -17.49
C LEU A 119 -21.23 -1.40 -16.76
N VAL A 120 -21.36 -1.55 -15.45
CA VAL A 120 -22.17 -0.65 -14.68
C VAL A 120 -21.28 0.14 -13.79
N ILE A 121 -21.40 1.45 -13.85
CA ILE A 121 -20.72 2.34 -12.95
C ILE A 121 -21.77 2.86 -11.98
N ASP A 122 -21.41 2.88 -10.69
CA ASP A 122 -22.35 3.18 -9.62
C ASP A 122 -22.24 4.66 -9.30
N PRO A 123 -23.30 5.25 -8.69
CA PRO A 123 -23.35 6.62 -8.12
C PRO A 123 -22.24 6.90 -7.11
N ARG A 124 -21.83 8.15 -7.00
CA ARG A 124 -20.65 8.52 -6.18
C ARG A 124 -20.79 8.08 -4.73
N GLN B 1 33.06 4.08 -21.11
CA GLN B 1 31.59 4.27 -21.27
C GLN B 1 30.78 3.44 -20.26
N SER B 2 30.68 4.02 -19.06
CA SER B 2 29.79 3.59 -17.97
C SER B 2 28.34 3.46 -18.41
N ALA B 3 27.59 2.63 -17.70
CA ALA B 3 26.14 2.55 -17.88
C ALA B 3 25.48 3.85 -17.36
N SER B 4 24.34 4.21 -17.94
CA SER B 4 23.60 5.37 -17.47
C SER B 4 22.17 5.00 -17.14
N ILE B 5 21.52 5.83 -16.33
CA ILE B 5 20.09 5.70 -16.11
C ILE B 5 19.50 7.05 -15.95
N GLU B 6 18.28 7.24 -16.40
CA GLU B 6 17.65 8.54 -16.26
C GLU B 6 16.18 8.37 -15.88
N ALA B 7 15.72 9.09 -14.86
CA ALA B 7 14.31 9.07 -14.44
C ALA B 7 13.60 10.37 -14.73
N LYS B 8 12.34 10.29 -15.17
CA LYS B 8 11.51 11.48 -15.41
C LYS B 8 10.10 11.21 -15.01
N THR B 9 9.42 12.22 -14.48
CA THR B 9 7.99 12.20 -14.23
C THR B 9 7.39 13.11 -15.26
N VAL B 10 6.46 12.54 -16.01
CA VAL B 10 6.17 12.99 -17.35
C VAL B 10 4.98 13.91 -17.41
N ASN B 11 4.11 13.83 -16.41
CA ASN B 11 2.83 14.56 -16.44
C ASN B 11 2.71 15.60 -15.37
N SER B 12 3.75 15.73 -14.58
CA SER B 12 3.67 16.51 -13.39
C SER B 12 4.85 16.10 -12.57
N THR B 13 5.23 17.03 -11.70
CA THR B 13 6.48 17.01 -10.95
C THR B 13 6.29 17.15 -9.42
N LYS B 14 5.05 17.30 -8.96
CA LYS B 14 4.76 17.72 -7.59
C LYS B 14 4.26 16.59 -6.74
N GLU B 15 4.70 16.53 -5.48
CA GLU B 15 4.28 15.50 -4.50
C GLU B 15 2.76 15.23 -4.52
N TRP B 16 2.38 13.99 -4.24
CA TRP B 16 0.97 13.59 -4.19
C TRP B 16 0.13 13.89 -5.46
N THR B 17 0.76 14.17 -6.61
CA THR B 17 0.03 14.16 -7.88
C THR B 17 0.23 12.84 -8.66
N ILE B 18 -0.62 12.62 -9.67
CA ILE B 18 -0.49 11.44 -10.56
C ILE B 18 0.39 11.69 -11.79
N SER B 19 1.42 10.85 -11.99
CA SER B 19 2.26 10.97 -13.16
C SER B 19 2.82 9.60 -13.54
N ASP B 20 3.02 9.39 -14.84
CA ASP B 20 3.78 8.29 -15.36
C ASP B 20 5.21 8.59 -15.01
N ILE B 21 5.99 7.55 -14.82
CA ILE B 21 7.37 7.73 -14.51
C ILE B 21 8.09 6.88 -15.51
N GLU B 22 9.00 7.52 -16.23
CA GLU B 22 9.77 6.87 -17.22
C GLU B 22 11.21 6.82 -16.77
N VAL B 23 11.73 5.60 -16.72
CA VAL B 23 13.08 5.37 -16.30
C VAL B 23 13.76 4.53 -17.35
N THR B 24 14.89 5.02 -17.85
CA THR B 24 15.56 4.38 -18.94
C THR B 24 16.97 4.03 -18.52
N TYR B 25 17.28 2.74 -18.51
CA TYR B 25 18.60 2.28 -18.15
C TYR B 25 19.31 1.85 -19.44
N LYS B 26 20.52 2.38 -19.68
CA LYS B 26 21.35 1.98 -20.82
C LYS B 26 22.63 1.36 -20.27
N PRO B 27 22.83 0.06 -20.49
CA PRO B 27 24.08 -0.55 -20.05
C PRO B 27 25.31 -0.06 -20.80
N ASN B 28 25.14 0.43 -22.03
CA ASN B 28 26.26 0.90 -22.85
C ASN B 28 27.36 -0.17 -22.94
N ALA B 29 26.93 -1.43 -22.94
CA ALA B 29 27.75 -2.54 -23.36
C ALA B 29 26.80 -3.65 -23.79
N VAL B 30 27.29 -4.61 -24.55
CA VAL B 30 26.40 -5.63 -25.09
C VAL B 30 26.36 -6.73 -24.03
N LEU B 31 25.18 -7.30 -23.86
CA LEU B 31 24.89 -8.15 -22.72
C LEU B 31 24.79 -9.60 -23.10
N SER B 32 24.82 -10.47 -22.09
CA SER B 32 24.74 -11.91 -22.28
C SER B 32 23.93 -12.58 -21.14
N LEU B 33 24.58 -12.70 -19.98
CA LEU B 33 24.05 -13.43 -18.84
C LEU B 33 23.63 -12.43 -17.77
N GLY B 34 22.61 -12.80 -16.99
CA GLY B 34 22.16 -11.98 -15.90
C GLY B 34 20.74 -11.47 -16.04
N ALA B 35 20.38 -10.55 -15.15
CA ALA B 35 19.10 -9.91 -15.20
C ALA B 35 19.30 -8.43 -15.13
N VAL B 36 18.36 -7.66 -15.68
CA VAL B 36 18.40 -6.21 -15.60
C VAL B 36 17.58 -5.81 -14.40
N GLU B 37 18.14 -4.93 -13.57
CA GLU B 37 17.54 -4.58 -12.28
C GLU B 37 17.39 -3.08 -12.11
N PHE B 38 16.16 -2.65 -11.81
CA PHE B 38 15.86 -1.30 -11.32
C PHE B 38 15.61 -1.35 -9.80
N GLN B 39 16.23 -0.46 -9.06
CA GLN B 39 16.09 -0.45 -7.62
C GLN B 39 15.53 0.92 -7.18
N PHE B 40 14.34 0.92 -6.59
CA PHE B 40 13.73 2.14 -6.08
C PHE B 40 13.77 2.32 -4.56
N PRO B 41 13.90 3.57 -4.10
CA PRO B 41 13.76 3.82 -2.66
C PRO B 41 12.29 3.77 -2.31
N ASP B 42 11.96 4.01 -1.05
CA ASP B 42 10.57 4.05 -0.65
C ASP B 42 9.88 5.25 -1.29
N GLY B 43 8.59 5.09 -1.57
CA GLY B 43 7.79 6.09 -2.28
C GLY B 43 7.45 5.68 -3.71
N PHE B 44 8.00 4.54 -4.17
CA PHE B 44 7.74 3.99 -5.51
C PHE B 44 7.51 2.50 -5.41
N HIS B 45 6.57 2.02 -6.22
CA HIS B 45 6.04 0.67 -6.13
C HIS B 45 5.60 0.24 -7.52
N ALA B 46 6.30 -0.73 -8.06
CA ALA B 46 6.00 -1.31 -9.34
C ALA B 46 4.93 -2.37 -9.19
N THR B 47 4.13 -2.54 -10.26
CA THR B 47 3.05 -3.49 -10.32
C THR B 47 3.03 -4.13 -11.67
N THR B 48 2.18 -5.14 -11.80
CA THR B 48 1.99 -5.88 -13.04
C THR B 48 1.33 -5.06 -14.15
N ARG B 49 0.87 -3.84 -13.87
CA ARG B 49 0.39 -2.94 -14.96
C ARG B 49 1.49 -2.09 -15.55
N ASP B 50 2.63 -2.00 -14.88
CA ASP B 50 3.72 -1.22 -15.39
C ASP B 50 4.50 -2.12 -16.35
N SER B 51 5.38 -1.52 -17.16
CA SER B 51 5.98 -2.27 -18.23
C SER B 51 7.45 -1.91 -18.46
N VAL B 52 8.12 -2.76 -19.22
CA VAL B 52 9.48 -2.47 -19.68
C VAL B 52 9.51 -2.88 -21.16
N ASN B 53 10.06 -2.01 -22.00
CA ASN B 53 10.11 -2.26 -23.43
C ASN B 53 8.88 -2.91 -24.03
N GLY B 54 7.69 -2.44 -23.64
CA GLY B 54 6.44 -2.83 -24.25
C GLY B 54 5.74 -4.03 -23.67
N ARG B 55 6.33 -4.62 -22.64
CA ARG B 55 5.82 -5.83 -22.02
C ARG B 55 5.52 -5.52 -20.58
N THR B 56 4.29 -5.82 -20.15
CA THR B 56 3.90 -5.65 -18.77
C THR B 56 4.68 -6.55 -17.84
N LEU B 57 4.90 -6.09 -16.62
CA LEU B 57 5.71 -6.81 -15.66
C LEU B 57 5.02 -8.04 -15.12
N LYS B 58 5.77 -9.11 -14.98
CA LYS B 58 5.28 -10.30 -14.25
C LYS B 58 5.52 -10.17 -12.73
N GLU B 59 4.71 -10.85 -11.93
CA GLU B 59 4.92 -10.83 -10.47
C GLU B 59 6.29 -11.38 -10.09
N THR B 60 6.78 -12.32 -10.89
CA THR B 60 8.10 -12.91 -10.71
C THR B 60 9.27 -11.97 -11.02
N GLN B 61 8.99 -10.85 -11.66
CA GLN B 61 9.98 -9.81 -11.89
C GLN B 61 9.91 -8.66 -10.90
N ILE B 62 8.96 -8.71 -9.99
CA ILE B 62 8.82 -7.68 -9.01
C ILE B 62 9.14 -8.24 -7.63
N LEU B 63 9.94 -7.50 -6.86
CA LEU B 63 10.33 -7.84 -5.48
C LEU B 63 10.45 -6.59 -4.63
N ASN B 64 10.80 -6.80 -3.35
CA ASN B 64 10.99 -5.73 -2.34
C ASN B 64 9.71 -4.97 -2.11
N ASP B 65 8.58 -5.65 -2.16
CA ASP B 65 7.32 -4.96 -2.04
C ASP B 65 7.31 -3.87 -3.11
N GLY B 66 7.56 -4.29 -4.35
CA GLY B 66 7.48 -3.40 -5.51
C GLY B 66 8.63 -2.43 -5.75
N LYS B 67 9.65 -2.43 -4.92
CA LYS B 67 10.73 -1.45 -5.04
C LYS B 67 11.83 -2.00 -5.91
N THR B 68 11.85 -3.30 -6.16
CA THR B 68 12.88 -3.86 -7.02
C THR B 68 12.23 -4.59 -8.19
N VAL B 69 12.64 -4.19 -9.40
CA VAL B 69 12.19 -4.81 -10.67
C VAL B 69 13.36 -5.50 -11.30
N ARG B 70 13.21 -6.80 -11.51
CA ARG B 70 14.35 -7.61 -11.94
C ARG B 70 13.94 -8.49 -13.13
N LEU B 71 14.64 -8.31 -14.24
CA LEU B 71 14.26 -8.89 -15.50
C LEU B 71 15.35 -9.81 -16.00
N PRO B 72 15.14 -11.13 -15.96
CA PRO B 72 16.17 -11.99 -16.54
C PRO B 72 16.33 -11.76 -18.06
N LEU B 73 17.55 -11.82 -18.54
CA LEU B 73 17.86 -11.45 -19.89
C LEU B 73 17.46 -12.56 -20.84
N THR B 74 16.19 -12.51 -21.25
CA THR B 74 15.65 -13.41 -22.25
C THR B 74 16.01 -12.82 -23.59
N LEU B 75 15.73 -13.56 -24.66
CA LEU B 75 16.18 -13.20 -26.02
C LEU B 75 15.57 -11.85 -26.50
N ASP B 76 14.30 -11.61 -26.19
CA ASP B 76 13.64 -10.32 -26.41
C ASP B 76 14.34 -9.11 -25.75
N LEU B 77 14.84 -9.27 -24.53
CA LEU B 77 15.63 -8.23 -23.93
C LEU B 77 17.06 -8.16 -24.51
N LEU B 78 17.57 -9.24 -25.05
CA LEU B 78 18.99 -9.23 -25.50
C LEU B 78 19.23 -8.40 -26.75
N GLY B 79 18.15 -8.05 -27.44
CA GLY B 79 18.21 -7.18 -28.62
C GLY B 79 18.14 -5.70 -28.34
N ALA B 80 17.80 -5.33 -27.11
CA ALA B 80 17.59 -3.94 -26.77
C ALA B 80 18.87 -3.26 -26.24
N SER B 81 19.16 -2.09 -26.76
CA SER B 81 20.29 -1.24 -26.29
C SER B 81 19.86 -0.44 -25.05
N GLU B 82 18.55 -0.41 -24.81
CA GLU B 82 18.03 0.26 -23.65
C GLU B 82 16.80 -0.42 -23.13
N PHE B 83 16.51 -0.15 -21.85
CA PHE B 83 15.39 -0.73 -21.13
C PHE B 83 14.55 0.38 -20.58
N ASP B 84 13.45 0.67 -21.26
CA ASP B 84 12.53 1.73 -20.93
C ASP B 84 11.41 1.26 -20.01
N LEU B 85 11.57 1.54 -18.74
CA LEU B 85 10.56 1.16 -17.78
C LEU B 85 9.57 2.29 -17.67
N VAL B 86 8.29 1.95 -17.59
CA VAL B 86 7.27 2.93 -17.44
C VAL B 86 6.39 2.52 -16.26
N MET B 87 6.32 3.37 -15.23
CA MET B 87 5.35 3.26 -14.12
C MET B 87 4.22 4.22 -14.41
N VAL B 88 3.00 3.71 -14.37
CA VAL B 88 1.86 4.34 -15.03
C VAL B 88 0.97 5.04 -14.04
N ARG B 89 0.72 6.33 -14.21
CA ARG B 89 -0.22 7.02 -13.30
C ARG B 89 -0.03 6.70 -11.81
N LYS B 90 1.20 6.83 -11.36
CA LYS B 90 1.52 6.75 -9.92
C LYS B 90 1.26 8.06 -9.16
N THR B 91 0.98 7.92 -7.88
CA THR B 91 0.92 9.06 -7.01
C THR B 91 2.37 9.31 -6.66
N LEU B 92 2.85 10.53 -6.86
CA LEU B 92 4.25 10.79 -6.51
C LEU B 92 4.38 10.99 -4.99
N PRO B 93 5.52 10.61 -4.42
CA PRO B 93 5.68 10.63 -2.98
C PRO B 93 6.02 12.03 -2.46
N ARG B 94 6.37 12.16 -1.18
CA ARG B 94 6.58 13.48 -0.59
C ARG B 94 7.77 14.18 -1.26
N ALA B 95 7.67 15.50 -1.38
CA ALA B 95 8.70 16.33 -2.01
C ALA B 95 10.08 15.97 -1.46
N GLY B 96 11.06 15.84 -2.36
CA GLY B 96 12.40 15.34 -2.03
C GLY B 96 13.16 14.87 -3.26
N THR B 97 14.43 14.48 -3.08
CA THR B 97 15.25 13.93 -4.16
C THR B 97 15.41 12.44 -3.90
N TYR B 98 15.29 11.64 -4.96
CA TYR B 98 15.23 10.20 -4.79
C TYR B 98 16.22 9.50 -5.71
N THR B 99 16.94 8.55 -5.15
CA THR B 99 17.97 7.84 -5.91
C THR B 99 17.38 6.63 -6.59
N ILE B 100 17.43 6.62 -7.92
CA ILE B 100 16.99 5.47 -8.71
C ILE B 100 18.23 4.81 -9.29
N LYS B 101 18.31 3.50 -9.20
CA LYS B 101 19.52 2.79 -9.61
C LYS B 101 19.14 1.71 -10.64
N GLY B 102 20.12 1.35 -11.47
CA GLY B 102 20.04 0.26 -12.40
C GLY B 102 21.33 -0.55 -12.39
N ASP B 103 21.26 -1.79 -12.84
CA ASP B 103 22.44 -2.65 -12.82
C ASP B 103 22.12 -3.91 -13.60
N VAL B 104 23.16 -4.69 -13.88
CA VAL B 104 23.00 -6.05 -14.37
C VAL B 104 23.58 -7.02 -13.34
N VAL B 105 22.74 -7.89 -12.82
CA VAL B 105 23.11 -8.69 -11.67
C VAL B 105 23.08 -10.16 -12.05
N ASN B 106 23.92 -10.94 -11.36
CA ASN B 106 24.16 -12.32 -11.70
C ASN B 106 24.73 -12.53 -13.11
N GLY B 107 25.47 -11.54 -13.61
CA GLY B 107 26.16 -11.70 -14.89
C GLY B 107 27.52 -12.37 -14.77
N LEU B 108 28.41 -12.05 -15.69
CA LEU B 108 29.76 -12.62 -15.71
C LEU B 108 30.68 -12.00 -14.64
N GLY B 109 30.49 -10.72 -14.36
CA GLY B 109 31.29 -10.02 -13.37
C GLY B 109 32.26 -9.02 -13.96
N ILE B 110 32.42 -9.06 -15.29
CA ILE B 110 33.38 -8.21 -15.99
C ILE B 110 32.80 -6.81 -16.14
N GLY B 111 33.64 -5.81 -15.92
CA GLY B 111 33.21 -4.43 -16.05
C GLY B 111 32.22 -4.04 -14.97
N SER B 112 31.54 -2.92 -15.19
CA SER B 112 30.58 -2.39 -14.25
C SER B 112 29.39 -1.83 -15.00
N PHE B 113 28.21 -2.28 -14.61
CA PHE B 113 26.96 -1.90 -15.26
C PHE B 113 26.10 -1.04 -14.36
N TYR B 114 26.59 -0.72 -13.17
CA TYR B 114 25.87 0.13 -12.22
C TYR B 114 25.67 1.55 -12.75
N ALA B 115 24.53 2.14 -12.39
CA ALA B 115 24.24 3.54 -12.71
C ALA B 115 23.16 4.01 -11.78
N GLU B 116 23.15 5.32 -11.51
CA GLU B 116 22.15 5.95 -10.62
C GLU B 116 21.86 7.38 -11.05
N THR B 117 20.83 7.96 -10.45
CA THR B 117 20.36 9.29 -10.81
C THR B 117 19.40 9.79 -9.73
N GLN B 118 19.21 11.09 -9.67
CA GLN B 118 18.29 11.69 -8.73
C GLN B 118 17.02 12.05 -9.47
N LEU B 119 15.90 11.80 -8.82
CA LEU B 119 14.60 12.18 -9.32
C LEU B 119 14.07 13.15 -8.28
N VAL B 120 13.82 14.38 -8.72
CA VAL B 120 13.35 15.43 -7.82
C VAL B 120 11.86 15.54 -7.95
N ILE B 121 11.16 15.36 -6.84
CA ILE B 121 9.76 15.64 -6.73
C ILE B 121 9.61 16.98 -6.00
N ASP B 122 9.01 17.94 -6.67
CA ASP B 122 8.86 19.27 -6.10
C ASP B 122 7.70 19.31 -5.10
N PRO B 123 7.74 20.25 -4.14
CA PRO B 123 6.58 20.56 -3.31
C PRO B 123 5.46 21.29 -4.06
N ARG B 124 4.31 21.38 -3.41
CA ARG B 124 3.14 22.04 -4.00
C ARG B 124 2.67 23.21 -3.15
N GLN C 1 -32.03 1.47 20.01
CA GLN C 1 -32.29 0.22 19.25
C GLN C 1 -31.17 -0.04 18.24
N SER C 2 -30.88 0.95 17.40
CA SER C 2 -30.02 0.72 16.23
C SER C 2 -28.51 0.96 16.47
N ALA C 3 -27.68 0.30 15.68
CA ALA C 3 -26.24 0.43 15.82
C ALA C 3 -25.77 1.68 15.11
N SER C 4 -24.68 2.26 15.61
CA SER C 4 -24.09 3.46 15.01
C SER C 4 -22.59 3.28 14.81
N ILE C 5 -22.04 3.98 13.83
CA ILE C 5 -20.60 4.05 13.65
C ILE C 5 -20.19 5.47 13.24
N GLU C 6 -19.06 5.96 13.76
CA GLU C 6 -18.58 7.31 13.46
C GLU C 6 -17.07 7.38 13.26
N ALA C 7 -16.63 8.18 12.28
CA ALA C 7 -15.21 8.32 11.96
C ALA C 7 -14.73 9.78 11.89
N LYS C 8 -13.70 10.13 12.66
CA LYS C 8 -13.13 11.47 12.70
C LYS C 8 -11.67 11.35 12.33
N THR C 9 -11.21 12.20 11.42
CA THR C 9 -9.77 12.39 11.24
C THR C 9 -9.33 13.61 12.04
N VAL C 10 -8.64 13.33 13.13
CA VAL C 10 -8.59 14.24 14.25
C VAL C 10 -7.68 15.46 13.96
N ASN C 11 -6.56 15.20 13.29
CA ASN C 11 -5.54 16.21 13.06
C ASN C 11 -5.74 17.09 11.84
N SER C 12 -6.34 16.53 10.82
CA SER C 12 -6.36 17.15 9.51
C SER C 12 -7.49 16.55 8.74
N THR C 13 -8.03 17.34 7.85
CA THR C 13 -9.21 16.95 7.12
C THR C 13 -8.86 16.67 5.65
N LYS C 14 -7.61 16.89 5.25
CA LYS C 14 -7.23 16.98 3.84
C LYS C 14 -6.32 15.86 3.29
N GLU C 15 -6.61 15.44 2.07
CA GLU C 15 -5.86 14.43 1.32
C GLU C 15 -4.34 14.51 1.44
N TRP C 16 -3.70 13.36 1.54
CA TRP C 16 -2.24 13.22 1.61
C TRP C 16 -1.61 13.93 2.85
N THR C 17 -2.43 14.38 3.81
CA THR C 17 -1.92 14.87 5.11
C THR C 17 -1.93 13.75 6.19
N ILE C 18 -0.99 13.77 7.12
CA ILE C 18 -1.00 12.82 8.26
C ILE C 18 -2.07 13.15 9.31
N SER C 19 -2.76 12.14 9.78
CA SER C 19 -3.69 12.26 10.89
C SER C 19 -3.91 10.91 11.55
N ASP C 20 -4.41 10.91 12.78
CA ASP C 20 -4.93 9.72 13.40
C ASP C 20 -6.35 9.60 12.89
N ILE C 21 -6.82 8.35 12.80
CA ILE C 21 -8.24 8.15 12.51
C ILE C 21 -8.87 7.46 13.71
N GLU C 22 -9.97 8.02 14.19
CA GLU C 22 -10.69 7.55 15.36
C GLU C 22 -12.06 7.08 14.91
N VAL C 23 -12.26 5.77 15.01
CA VAL C 23 -13.55 5.18 14.67
C VAL C 23 -14.11 4.52 15.91
N THR C 24 -15.35 4.90 16.20
CA THR C 24 -16.10 4.35 17.29
C THR C 24 -17.35 3.58 16.79
N TYR C 25 -17.37 2.27 17.07
CA TYR C 25 -18.52 1.45 16.76
C TYR C 25 -19.28 1.13 18.03
N LYS C 26 -20.56 1.46 18.00
CA LYS C 26 -21.53 1.19 19.06
C LYS C 26 -22.64 0.29 18.51
N PRO C 27 -22.75 -0.96 19.00
CA PRO C 27 -23.86 -1.85 18.63
C PRO C 27 -25.21 -1.54 19.27
N ASN C 28 -25.22 -0.97 20.46
CA ASN C 28 -26.45 -0.58 21.16
C ASN C 28 -27.39 -1.74 21.55
N ALA C 29 -26.83 -2.93 21.68
CA ALA C 29 -27.58 -4.11 22.11
C ALA C 29 -26.62 -5.08 22.77
N VAL C 30 -27.14 -5.90 23.67
CA VAL C 30 -26.33 -6.80 24.46
C VAL C 30 -25.63 -7.78 23.52
N LEU C 31 -24.36 -8.05 23.78
CA LEU C 31 -23.59 -8.89 22.86
C LEU C 31 -23.35 -10.21 23.54
N SER C 32 -23.08 -11.22 22.70
CA SER C 32 -22.96 -12.59 23.18
C SER C 32 -21.86 -13.35 22.47
N LEU C 33 -22.03 -13.48 21.15
CA LEU C 33 -21.22 -14.34 20.36
C LEU C 33 -20.78 -13.68 19.08
N GLY C 34 -19.66 -14.18 18.56
CA GLY C 34 -19.13 -13.76 17.27
C GLY C 34 -18.03 -12.74 17.49
N ALA C 35 -17.79 -11.94 16.47
CA ALA C 35 -16.67 -11.02 16.42
C ALA C 35 -17.16 -9.66 16.03
N VAL C 36 -16.54 -8.63 16.62
CA VAL C 36 -16.74 -7.25 16.17
C VAL C 36 -15.83 -7.00 14.99
N GLU C 37 -16.40 -6.34 13.97
CA GLU C 37 -15.74 -6.21 12.69
C GLU C 37 -15.88 -4.78 12.15
N PHE C 38 -14.75 -4.17 11.80
CA PHE C 38 -14.72 -2.88 11.11
C PHE C 38 -14.24 -3.19 9.75
N GLN C 39 -14.79 -2.47 8.77
CA GLN C 39 -14.38 -2.65 7.40
C GLN C 39 -14.11 -1.31 6.73
N PHE C 40 -13.02 -1.32 5.95
CA PHE C 40 -12.52 -0.16 5.20
C PHE C 40 -12.44 -0.35 3.66
N PRO C 41 -12.68 0.72 2.88
CA PRO C 41 -12.47 0.74 1.42
C PRO C 41 -11.00 0.87 1.12
N ASP C 42 -10.63 1.14 -0.12
CA ASP C 42 -9.19 1.35 -0.42
C ASP C 42 -8.73 2.71 0.08
N GLY C 43 -7.44 2.79 0.42
CA GLY C 43 -6.88 4.01 0.97
C GLY C 43 -6.48 3.90 2.45
N PHE C 44 -7.15 2.98 3.16
CA PHE C 44 -6.92 2.73 4.59
C PHE C 44 -6.37 1.34 4.81
N HIS C 45 -5.51 1.27 5.81
CA HIS C 45 -4.78 0.05 6.11
CA HIS C 45 -4.71 0.09 6.11
C HIS C 45 -4.54 0.06 7.64
N ALA C 46 -5.01 -0.98 8.33
CA ALA C 46 -4.70 -1.13 9.74
C ALA C 46 -3.45 -1.96 9.85
N THR C 47 -2.68 -1.74 10.92
CA THR C 47 -1.45 -2.47 11.24
C THR C 47 -1.49 -2.83 12.70
N THR C 48 -0.52 -3.62 13.16
CA THR C 48 -0.38 -3.93 14.58
C THR C 48 0.12 -2.76 15.44
N ARG C 49 0.18 -1.55 14.87
CA ARG C 49 0.43 -0.36 15.67
C ARG C 49 -0.88 0.24 16.07
N ASP C 50 -1.93 -0.05 15.34
CA ASP C 50 -3.20 0.62 15.61
C ASP C 50 -3.85 -0.14 16.75
N SER C 51 -4.92 0.38 17.34
CA SER C 51 -5.49 -0.25 18.53
C SER C 51 -6.98 -0.10 18.67
N VAL C 52 -7.54 -0.95 19.51
CA VAL C 52 -8.98 -0.91 19.86
C VAL C 52 -9.10 -0.97 21.39
N ASN C 53 -9.87 -0.05 21.98
CA ASN C 53 -9.98 -0.03 23.44
C ASN C 53 -8.67 -0.35 24.17
N GLY C 54 -7.56 0.29 23.79
CA GLY C 54 -6.33 0.20 24.57
C GLY C 54 -5.44 -1.00 24.26
N ARG C 55 -5.83 -1.83 23.30
CA ARG C 55 -4.98 -2.99 22.91
C ARG C 55 -4.59 -2.85 21.46
N THR C 56 -3.30 -3.00 21.20
CA THR C 56 -2.85 -2.86 19.85
C THR C 56 -3.30 -4.10 19.15
N LEU C 57 -3.54 -4.02 17.85
CA LEU C 57 -4.08 -5.12 17.09
C LEU C 57 -3.09 -6.23 16.87
N LYS C 58 -3.52 -7.50 16.93
CA LYS C 58 -2.66 -8.66 16.60
C LYS C 58 -2.79 -8.92 15.12
N GLU C 59 -1.89 -9.72 14.53
CA GLU C 59 -1.98 -10.07 13.08
C GLU C 59 -3.27 -10.83 12.79
N THR C 60 -3.68 -11.71 13.71
CA THR C 60 -4.86 -12.55 13.53
C THR C 60 -6.16 -11.76 13.60
N GLN C 61 -6.07 -10.45 13.79
CA GLN C 61 -7.25 -9.60 13.77
C GLN C 61 -7.30 -8.64 12.58
N ILE C 62 -6.26 -8.63 11.75
CA ILE C 62 -6.23 -7.77 10.57
C ILE C 62 -6.28 -8.68 9.34
N LEU C 63 -7.16 -8.34 8.41
CA LEU C 63 -7.34 -9.11 7.19
C LEU C 63 -7.52 -8.17 6.02
N ASN C 64 -7.57 -8.73 4.81
CA ASN C 64 -8.08 -7.99 3.67
C ASN C 64 -7.02 -6.96 3.26
N ASP C 65 -5.77 -7.38 3.31
CA ASP C 65 -4.61 -6.46 3.25
C ASP C 65 -4.87 -5.15 4.03
N GLY C 66 -5.03 -5.30 5.33
CA GLY C 66 -5.24 -4.20 6.25
C GLY C 66 -6.62 -3.58 6.23
N LYS C 67 -7.49 -3.97 5.31
CA LYS C 67 -8.74 -3.22 5.17
C LYS C 67 -9.87 -3.68 6.09
N THR C 68 -9.67 -4.78 6.80
CA THR C 68 -10.72 -5.34 7.66
C THR C 68 -10.15 -5.69 9.05
N VAL C 69 -10.86 -5.33 10.10
CA VAL C 69 -10.41 -5.65 11.46
C VAL C 69 -11.46 -6.49 12.16
N ARG C 70 -11.09 -7.68 12.60
CA ARG C 70 -12.06 -8.63 13.17
C ARG C 70 -11.66 -8.98 14.59
N LEU C 71 -12.57 -8.72 15.54
CA LEU C 71 -12.29 -8.91 16.97
C LEU C 71 -13.19 -9.95 17.68
N PRO C 72 -12.67 -11.15 17.91
CA PRO C 72 -13.45 -12.16 18.63
C PRO C 72 -13.97 -11.60 19.94
N LEU C 73 -15.22 -11.91 20.29
CA LEU C 73 -15.80 -11.33 21.48
C LEU C 73 -15.39 -12.05 22.77
N THR C 74 -14.15 -11.86 23.18
CA THR C 74 -13.69 -12.31 24.49
C THR C 74 -14.25 -11.41 25.57
N LEU C 75 -14.13 -11.85 26.82
CA LEU C 75 -14.77 -11.21 28.00
C LEU C 75 -14.57 -9.71 28.16
N ASP C 76 -13.36 -9.23 27.86
CA ASP C 76 -13.02 -7.79 27.96
C ASP C 76 -13.72 -6.95 26.92
N LEU C 77 -13.94 -7.53 25.74
CA LEU C 77 -14.69 -6.85 24.67
C LEU C 77 -16.18 -6.86 24.97
N LEU C 78 -16.61 -7.93 25.64
CA LEU C 78 -18.01 -8.12 25.99
C LEU C 78 -18.52 -7.13 27.03
N GLY C 79 -17.66 -6.62 27.90
CA GLY C 79 -18.11 -5.68 28.93
C GLY C 79 -17.89 -4.25 28.50
N ALA C 80 -18.14 -3.95 27.22
CA ALA C 80 -17.82 -2.64 26.67
C ALA C 80 -18.94 -2.22 25.78
N SER C 81 -19.44 -1.03 26.03
CA SER C 81 -20.56 -0.50 25.27
C SER C 81 -20.11 0.11 23.95
N GLU C 82 -18.81 0.37 23.81
CA GLU C 82 -18.26 0.94 22.58
C GLU C 82 -16.86 0.46 22.23
N PHE C 83 -16.59 0.46 20.93
CA PHE C 83 -15.36 -0.03 20.40
C PHE C 83 -14.60 1.07 19.69
N ASP C 84 -13.68 1.70 20.43
CA ASP C 84 -12.84 2.78 19.91
C ASP C 84 -11.63 2.23 19.18
N LEU C 85 -11.67 2.34 17.85
CA LEU C 85 -10.54 1.98 17.00
C LEU C 85 -9.75 3.26 16.79
N VAL C 86 -8.42 3.16 16.85
CA VAL C 86 -7.58 4.31 16.57
C VAL C 86 -6.52 3.87 15.61
N MET C 87 -6.45 4.57 14.49
CA MET C 87 -5.39 4.36 13.54
C MET C 87 -4.44 5.54 13.64
N VAL C 88 -3.17 5.21 13.75
CA VAL C 88 -2.15 6.14 14.21
C VAL C 88 -1.47 6.77 13.01
N ARG C 89 -1.68 8.09 12.85
CA ARG C 89 -0.86 8.91 11.97
C ARG C 89 -0.82 8.34 10.58
N LYS C 90 -2.00 8.23 10.01
CA LYS C 90 -2.08 7.71 8.67
C LYS C 90 -1.96 8.87 7.69
N THR C 91 -1.29 8.59 6.57
CA THR C 91 -1.39 9.42 5.36
C THR C 91 -2.81 9.25 4.81
N LEU C 92 -3.62 10.30 4.91
CA LEU C 92 -4.97 10.30 4.37
C LEU C 92 -4.93 10.22 2.82
N PRO C 93 -5.92 9.55 2.21
CA PRO C 93 -5.93 9.36 0.76
C PRO C 93 -6.68 10.46 -0.04
N ARG C 94 -6.73 10.28 -1.37
CA ARG C 94 -7.43 11.18 -2.30
C ARG C 94 -8.73 11.75 -1.73
N ALA C 95 -9.02 13.02 -2.00
CA ALA C 95 -10.29 13.63 -1.57
C ALA C 95 -11.54 12.85 -2.06
N GLY C 96 -12.67 13.01 -1.39
CA GLY C 96 -13.88 12.20 -1.63
C GLY C 96 -14.63 11.82 -0.35
N THR C 97 -15.79 11.21 -0.47
CA THR C 97 -16.43 10.54 0.68
C THR C 97 -15.97 9.09 0.68
N TYR C 98 -15.86 8.49 1.86
CA TYR C 98 -15.64 7.05 1.97
C TYR C 98 -16.57 6.49 2.99
N THR C 99 -16.87 5.22 2.80
CA THR C 99 -17.79 4.51 3.65
C THR C 99 -17.02 3.53 4.53
N ILE C 100 -17.20 3.72 5.84
CA ILE C 100 -16.62 2.89 6.86
C ILE C 100 -17.76 2.21 7.55
N LYS C 101 -17.58 0.90 7.80
CA LYS C 101 -18.68 0.02 8.21
C LYS C 101 -18.35 -0.78 9.48
N GLY C 102 -19.34 -0.92 10.35
CA GLY C 102 -19.24 -1.79 11.52
C GLY C 102 -20.34 -2.82 11.67
N ASP C 103 -19.96 -4.05 11.96
CA ASP C 103 -20.91 -5.14 12.14
C ASP C 103 -20.43 -6.10 13.23
N VAL C 104 -21.33 -6.84 13.84
CA VAL C 104 -20.96 -8.00 14.65
C VAL C 104 -21.28 -9.27 13.90
N VAL C 105 -20.24 -9.98 13.44
CA VAL C 105 -20.41 -11.12 12.56
C VAL C 105 -20.25 -12.48 13.24
N ASN C 106 -21.01 -13.47 12.73
CA ASN C 106 -21.01 -14.86 13.22
C ASN C 106 -21.47 -15.01 14.64
N GLY C 107 -22.52 -14.25 14.99
CA GLY C 107 -23.07 -14.23 16.34
C GLY C 107 -24.43 -14.91 16.52
N LEU C 108 -24.89 -15.64 15.51
CA LEU C 108 -25.97 -16.66 15.65
C LEU C 108 -27.25 -16.14 16.36
N GLY C 109 -27.89 -15.08 15.84
CA GLY C 109 -27.51 -14.49 14.56
C GLY C 109 -28.74 -14.17 13.73
N ILE C 110 -29.53 -13.24 14.24
CA ILE C 110 -30.72 -12.68 13.56
C ILE C 110 -31.12 -11.43 14.37
N GLY C 111 -31.04 -10.26 13.72
CA GLY C 111 -31.00 -8.97 14.39
C GLY C 111 -29.79 -8.28 13.79
N SER C 112 -29.94 -7.03 13.39
CA SER C 112 -28.86 -6.33 12.72
C SER C 112 -27.98 -5.56 13.71
N PHE C 113 -26.67 -5.65 13.49
CA PHE C 113 -25.70 -4.83 14.20
C PHE C 113 -24.89 -4.05 13.15
N TYR C 114 -25.44 -3.89 11.95
CA TYR C 114 -24.73 -3.21 10.89
C TYR C 114 -24.87 -1.70 11.05
N ALA C 115 -23.81 -0.99 10.70
CA ALA C 115 -23.76 0.47 10.76
C ALA C 115 -22.75 0.93 9.75
N GLU C 116 -22.98 2.09 9.15
CA GLU C 116 -22.03 2.66 8.23
C GLU C 116 -22.00 4.17 8.36
N THR C 117 -20.95 4.75 7.81
CA THR C 117 -20.78 6.19 7.90
C THR C 117 -19.94 6.69 6.78
N GLN C 118 -20.09 7.99 6.53
CA GLN C 118 -19.42 8.65 5.45
C GLN C 118 -18.32 9.47 6.08
N LEU C 119 -17.08 9.17 5.70
CA LEU C 119 -15.92 9.97 6.09
C LEU C 119 -15.43 10.80 4.91
N VAL C 120 -15.61 12.12 5.00
CA VAL C 120 -15.19 13.07 3.94
C VAL C 120 -13.72 13.42 4.08
N ILE C 121 -12.93 13.11 3.06
CA ILE C 121 -11.57 13.62 2.95
C ILE C 121 -11.61 14.79 1.98
N ASP C 122 -10.91 15.87 2.34
CA ASP C 122 -11.06 17.12 1.63
C ASP C 122 -9.92 17.33 0.64
N PRO C 123 -10.15 18.22 -0.34
CA PRO C 123 -9.15 18.60 -1.34
C PRO C 123 -8.15 19.64 -0.87
N ARG C 124 -6.89 19.41 -1.18
CA ARG C 124 -5.83 20.42 -1.04
C ARG C 124 -5.96 21.48 -2.14
N GLN D 1 22.64 -11.05 35.65
CA GLN D 1 22.40 -9.91 36.60
C GLN D 1 22.70 -8.51 36.01
N SER D 2 22.64 -8.39 34.68
CA SER D 2 22.87 -7.11 34.02
C SER D 2 21.67 -6.77 33.13
N ALA D 3 20.86 -5.80 33.54
CA ALA D 3 19.72 -5.37 32.74
C ALA D 3 20.19 -4.86 31.37
N SER D 4 19.45 -5.17 30.32
CA SER D 4 19.78 -4.72 28.97
C SER D 4 18.69 -3.77 28.45
N ILE D 5 19.07 -2.91 27.54
CA ILE D 5 18.13 -2.22 26.71
C ILE D 5 18.69 -2.09 25.30
N GLU D 6 17.80 -2.12 24.33
CA GLU D 6 18.15 -2.10 22.92
C GLU D 6 17.13 -1.21 22.20
N ALA D 7 17.60 -0.36 21.30
CA ALA D 7 16.70 0.55 20.56
C ALA D 7 17.02 0.63 19.09
N LYS D 8 15.98 0.64 18.26
CA LYS D 8 16.11 0.61 16.80
C LYS D 8 15.09 1.52 16.20
N THR D 9 15.50 2.33 15.24
CA THR D 9 14.55 2.93 14.32
C THR D 9 14.40 1.97 13.15
N VAL D 10 13.18 1.54 12.88
CA VAL D 10 12.96 0.44 11.95
C VAL D 10 12.85 0.86 10.49
N ASN D 11 12.10 1.90 10.20
CA ASN D 11 11.70 2.21 8.84
C ASN D 11 12.65 3.16 8.16
N SER D 12 13.64 3.63 8.89
CA SER D 12 14.44 4.73 8.45
C SER D 12 15.42 4.97 9.54
N THR D 13 16.48 5.66 9.20
CA THR D 13 17.56 5.88 10.14
C THR D 13 17.94 7.38 10.21
N LYS D 14 17.28 8.23 9.42
CA LYS D 14 17.79 9.57 9.17
C LYS D 14 16.95 10.67 9.81
N GLU D 15 17.62 11.69 10.32
CA GLU D 15 16.96 12.87 10.90
C GLU D 15 15.78 13.34 10.03
N TRP D 16 14.75 13.85 10.69
CA TRP D 16 13.50 14.34 10.07
C TRP D 16 12.67 13.33 9.22
N THR D 17 13.07 12.06 9.25
CA THR D 17 12.26 11.00 8.63
C THR D 17 11.32 10.35 9.63
N ILE D 18 10.34 9.63 9.09
CA ILE D 18 9.32 8.94 9.88
C ILE D 18 9.60 7.46 10.03
N SER D 19 10.08 7.06 11.20
CA SER D 19 10.30 5.69 11.57
C SER D 19 9.47 5.36 12.82
N ASP D 20 9.19 4.07 12.99
CA ASP D 20 8.74 3.57 14.27
C ASP D 20 10.04 3.49 15.07
N ILE D 21 9.93 3.46 16.40
CA ILE D 21 11.08 3.21 17.26
C ILE D 21 10.67 2.06 18.18
N GLU D 22 11.51 1.03 18.22
CA GLU D 22 11.30 -0.17 18.98
C GLU D 22 12.36 -0.29 20.01
N VAL D 23 11.93 -0.22 21.25
CA VAL D 23 12.79 -0.21 22.39
C VAL D 23 12.40 -1.35 23.35
N THR D 24 13.32 -2.27 23.57
CA THR D 24 13.09 -3.41 24.43
C THR D 24 13.96 -3.30 25.65
N TYR D 25 13.34 -3.30 26.83
CA TYR D 25 14.04 -3.35 28.09
C TYR D 25 13.92 -4.78 28.65
N LYS D 26 15.08 -5.40 28.93
CA LYS D 26 15.15 -6.66 29.65
C LYS D 26 15.83 -6.38 30.97
N PRO D 27 15.13 -6.57 32.09
CA PRO D 27 15.69 -6.38 33.43
C PRO D 27 16.51 -7.57 33.95
N ASN D 28 16.46 -8.70 33.23
CA ASN D 28 17.28 -9.90 33.48
C ASN D 28 17.30 -10.35 34.93
N ALA D 29 16.13 -10.33 35.57
CA ALA D 29 15.98 -10.75 36.96
C ALA D 29 14.52 -10.64 37.41
N VAL D 30 14.10 -11.46 38.34
CA VAL D 30 12.70 -11.50 38.71
C VAL D 30 12.26 -10.21 39.41
N LEU D 31 11.12 -9.67 38.96
CA LEU D 31 10.62 -8.40 39.47
C LEU D 31 9.46 -8.66 40.41
N SER D 32 9.14 -7.65 41.22
CA SER D 32 8.17 -7.80 42.30
C SER D 32 7.41 -6.52 42.60
N LEU D 33 8.10 -5.50 43.07
CA LEU D 33 7.45 -4.23 43.41
C LEU D 33 8.08 -3.09 42.59
N GLY D 34 7.28 -2.08 42.25
CA GLY D 34 7.74 -0.90 41.50
C GLY D 34 7.11 -0.66 40.12
N ALA D 35 7.76 0.18 39.34
CA ALA D 35 7.35 0.46 37.97
C ALA D 35 8.53 0.36 37.01
N VAL D 36 8.29 -0.25 35.84
CA VAL D 36 9.23 -0.19 34.72
C VAL D 36 9.19 1.23 34.18
N GLU D 37 10.36 1.75 33.82
CA GLU D 37 10.47 3.12 33.42
C GLU D 37 11.43 3.22 32.26
N PHE D 38 10.93 3.76 31.15
CA PHE D 38 11.72 4.08 29.97
C PHE D 38 11.99 5.60 29.90
N GLN D 39 13.25 5.97 29.70
CA GLN D 39 13.60 7.37 29.77
C GLN D 39 14.25 7.81 28.48
N PHE D 40 13.80 8.93 27.97
CA PHE D 40 14.26 9.48 26.72
C PHE D 40 14.86 10.88 26.93
N PRO D 41 15.75 11.33 26.02
CA PRO D 41 16.19 12.72 25.96
C PRO D 41 15.29 13.60 25.15
N ASP D 42 15.56 14.90 25.17
CA ASP D 42 14.89 15.87 24.28
C ASP D 42 14.97 15.39 22.83
N GLY D 43 13.91 15.67 22.09
CA GLY D 43 13.75 15.17 20.74
C GLY D 43 12.80 13.97 20.59
N PHE D 44 12.65 13.15 21.62
CA PHE D 44 11.66 12.07 21.60
C PHE D 44 10.55 12.32 22.62
N HIS D 45 9.36 11.79 22.32
CA HIS D 45 8.14 12.16 23.01
C HIS D 45 7.11 11.02 22.87
N ALA D 46 6.75 10.38 24.00
CA ALA D 46 5.75 9.28 24.07
C ALA D 46 4.34 9.83 24.11
N THR D 47 3.39 9.07 23.53
CA THR D 47 1.95 9.45 23.47
C THR D 47 0.98 8.30 23.84
N THR D 48 -0.31 8.60 23.96
CA THR D 48 -1.28 7.56 24.24
C THR D 48 -1.47 6.57 23.07
N ARG D 49 -0.86 6.82 21.91
CA ARG D 49 -0.93 5.90 20.77
C ARG D 49 0.23 4.92 20.81
N ASP D 50 1.27 5.27 21.54
CA ASP D 50 2.44 4.37 21.64
C ASP D 50 2.07 3.23 22.55
N SER D 51 2.88 2.19 22.67
CA SER D 51 2.42 1.01 23.39
C SER D 51 3.54 0.24 24.04
N VAL D 52 3.17 -0.57 25.06
CA VAL D 52 4.10 -1.53 25.67
C VAL D 52 3.43 -2.89 25.90
N ASN D 53 4.09 -3.93 25.43
CA ASN D 53 3.56 -5.28 25.53
C ASN D 53 2.09 -5.32 25.15
N GLY D 54 1.78 -4.64 24.06
CA GLY D 54 0.48 -4.73 23.48
C GLY D 54 -0.60 -3.90 24.15
N ARG D 55 -0.24 -2.97 25.04
CA ARG D 55 -1.23 -2.05 25.61
C ARG D 55 -0.81 -0.63 25.32
N THR D 56 -1.75 0.18 24.90
CA THR D 56 -1.43 1.57 24.65
C THR D 56 -1.17 2.29 25.98
N LEU D 57 -0.43 3.38 25.92
CA LEU D 57 -0.06 4.10 27.13
C LEU D 57 -1.17 4.98 27.62
N LYS D 58 -1.39 4.98 28.94
CA LYS D 58 -2.30 5.97 29.54
C LYS D 58 -1.56 7.25 29.90
N GLU D 59 -2.31 8.36 29.89
CA GLU D 59 -1.81 9.72 30.25
C GLU D 59 -1.02 9.69 31.54
N THR D 60 -1.48 8.89 32.51
CA THR D 60 -0.81 8.75 33.80
C THR D 60 0.50 8.02 33.76
N GLN D 61 0.79 7.38 32.62
CA GLN D 61 2.03 6.62 32.52
C GLN D 61 3.06 7.44 31.77
N ILE D 62 2.73 8.66 31.43
CA ILE D 62 3.54 9.46 30.51
C ILE D 62 3.96 10.72 31.28
N LEU D 63 5.24 10.79 31.62
CA LEU D 63 5.76 11.82 32.51
C LEU D 63 6.83 12.64 31.81
N ASN D 64 7.24 13.73 32.48
CA ASN D 64 8.38 14.53 32.11
C ASN D 64 8.22 15.09 30.76
N ASP D 65 7.09 15.74 30.57
CA ASP D 65 6.78 16.31 29.28
C ASP D 65 6.95 15.30 28.17
N GLY D 66 6.49 14.06 28.40
CA GLY D 66 6.53 12.99 27.39
C GLY D 66 7.85 12.24 27.23
N LYS D 67 8.86 12.61 27.98
CA LYS D 67 10.14 11.98 27.82
C LYS D 67 10.26 10.71 28.66
N THR D 68 9.29 10.47 29.53
CA THR D 68 9.43 9.37 30.48
C THR D 68 8.19 8.51 30.46
N VAL D 69 8.40 7.20 30.44
CA VAL D 69 7.30 6.24 30.37
C VAL D 69 7.31 5.37 31.58
N ARG D 70 6.24 5.45 32.37
CA ARG D 70 6.25 4.88 33.73
C ARG D 70 5.10 3.90 33.91
N LEU D 71 5.42 2.62 34.07
CA LEU D 71 4.42 1.55 34.16
C LEU D 71 4.43 0.79 35.48
N PRO D 72 3.46 1.05 36.39
CA PRO D 72 3.38 0.25 37.62
C PRO D 72 3.21 -1.22 37.30
N LEU D 73 4.00 -2.07 37.97
CA LEU D 73 3.97 -3.52 37.76
C LEU D 73 2.64 -4.11 38.23
N THR D 74 1.84 -4.61 37.29
CA THR D 74 0.41 -4.75 37.51
C THR D 74 -0.05 -6.16 37.68
N LEU D 75 0.32 -6.99 36.73
CA LEU D 75 -0.52 -8.14 36.41
C LEU D 75 0.19 -8.89 35.29
N ASP D 76 -0.02 -8.40 34.07
CA ASP D 76 0.67 -8.92 32.90
C ASP D 76 2.14 -8.66 32.98
N LEU D 77 2.49 -7.45 33.46
CA LEU D 77 3.87 -6.97 33.47
C LEU D 77 4.79 -7.84 34.33
N LEU D 78 4.26 -8.40 35.41
CA LEU D 78 5.04 -9.32 36.22
C LEU D 78 5.38 -10.63 35.51
N GLY D 79 4.56 -11.04 34.54
CA GLY D 79 4.78 -12.31 33.83
C GLY D 79 5.65 -12.23 32.59
N ALA D 80 6.27 -11.07 32.39
CA ALA D 80 6.97 -10.79 31.15
C ALA D 80 8.45 -10.73 31.42
N SER D 81 9.24 -11.38 30.58
CA SER D 81 10.70 -11.31 30.68
C SER D 81 11.23 -10.04 29.98
N GLU D 82 10.38 -9.43 29.15
CA GLU D 82 10.76 -8.25 28.44
C GLU D 82 9.63 -7.26 28.23
N PHE D 83 10.04 -6.02 28.05
CA PHE D 83 9.15 -4.91 28.02
C PHE D 83 9.39 -4.21 26.71
N ASP D 84 8.50 -4.49 25.74
CA ASP D 84 8.64 -4.06 24.34
C ASP D 84 7.85 -2.80 24.08
N LEU D 85 8.56 -1.67 23.99
CA LEU D 85 7.92 -0.39 23.70
C LEU D 85 7.96 -0.13 22.21
N VAL D 86 6.88 0.41 21.69
CA VAL D 86 6.81 0.78 20.29
C VAL D 86 6.31 2.20 20.25
N MET D 87 7.13 3.08 19.65
CA MET D 87 6.79 4.44 19.33
C MET D 87 6.56 4.53 17.85
N VAL D 88 5.45 5.14 17.50
CA VAL D 88 4.79 4.91 16.23
C VAL D 88 4.95 6.08 15.26
N ARG D 89 5.67 5.88 14.17
CA ARG D 89 5.77 6.90 13.13
C ARG D 89 6.21 8.26 13.66
N LYS D 90 7.35 8.24 14.32
CA LYS D 90 7.92 9.46 14.88
C LYS D 90 8.75 10.20 13.84
N THR D 91 8.66 11.53 13.89
CA THR D 91 9.58 12.32 13.14
C THR D 91 10.87 12.25 13.94
N LEU D 92 11.90 11.66 13.36
CA LEU D 92 13.17 11.53 14.05
C LEU D 92 13.81 12.89 14.21
N PRO D 93 14.59 13.06 15.31
CA PRO D 93 15.22 14.33 15.65
C PRO D 93 16.61 14.54 14.96
N ARG D 94 17.18 15.73 15.15
CA ARG D 94 18.49 16.10 14.57
C ARG D 94 19.54 15.02 14.84
N ALA D 95 20.33 14.76 13.81
CA ALA D 95 21.43 13.79 13.83
C ALA D 95 22.32 13.97 15.07
N GLY D 96 22.81 12.86 15.58
CA GLY D 96 23.56 12.83 16.82
C GLY D 96 23.38 11.47 17.43
N THR D 97 24.07 11.22 18.53
CA THR D 97 23.89 10.00 19.27
C THR D 97 23.00 10.36 20.46
N TYR D 98 22.09 9.46 20.82
CA TYR D 98 21.09 9.71 21.87
C TYR D 98 21.09 8.57 22.86
N THR D 99 21.12 8.89 24.15
CA THR D 99 21.11 7.83 25.17
C THR D 99 19.68 7.53 25.57
N ILE D 100 19.36 6.24 25.67
CA ILE D 100 18.06 5.78 26.04
C ILE D 100 18.22 4.86 27.22
N LYS D 101 17.35 5.06 28.19
CA LYS D 101 17.51 4.51 29.50
C LYS D 101 16.21 3.81 29.88
N GLY D 102 16.38 2.67 30.54
CA GLY D 102 15.30 1.99 31.20
C GLY D 102 15.73 1.63 32.61
N ASP D 103 14.78 1.54 33.50
CA ASP D 103 15.07 1.13 34.85
C ASP D 103 13.82 0.50 35.43
N VAL D 104 13.91 0.08 36.68
CA VAL D 104 12.75 -0.30 37.43
C VAL D 104 12.86 0.53 38.70
N VAL D 105 11.87 1.40 38.94
CA VAL D 105 11.94 2.35 40.03
C VAL D 105 10.88 2.14 41.11
N ASN D 106 11.25 2.60 42.31
CA ASN D 106 10.46 2.46 43.53
C ASN D 106 10.29 0.98 43.96
N GLY D 107 11.36 0.20 43.78
CA GLY D 107 11.36 -1.23 44.11
C GLY D 107 12.26 -1.60 45.28
N LEU D 108 13.47 -2.08 44.95
CA LEU D 108 14.47 -2.56 45.93
C LEU D 108 13.89 -3.59 46.90
N GLY D 111 18.51 -6.10 44.55
CA GLY D 111 18.30 -5.89 43.12
C GLY D 111 18.91 -4.59 42.64
N SER D 112 19.39 -4.61 41.39
CA SER D 112 19.94 -3.41 40.72
C SER D 112 19.73 -3.50 39.18
N PHE D 113 18.95 -2.56 38.62
CA PHE D 113 18.34 -2.76 37.28
C PHE D 113 18.54 -1.67 36.23
N TYR D 114 19.46 -0.73 36.44
CA TYR D 114 19.66 0.34 35.44
C TYR D 114 20.21 -0.24 34.13
N ALA D 115 19.77 0.31 33.00
CA ALA D 115 20.34 -0.03 31.69
C ALA D 115 20.26 1.17 30.80
N GLU D 116 21.25 1.32 29.91
CA GLU D 116 21.24 2.37 28.88
C GLU D 116 21.80 1.86 27.56
N THR D 117 21.53 2.59 26.48
CA THR D 117 22.06 2.30 25.17
C THR D 117 22.06 3.58 24.30
N GLN D 118 22.66 3.47 23.12
CA GLN D 118 22.86 4.59 22.24
C GLN D 118 22.08 4.45 20.97
N LEU D 119 21.09 5.29 20.77
CA LEU D 119 20.40 5.33 19.50
C LEU D 119 21.06 6.41 18.62
N VAL D 120 21.51 6.00 17.42
CA VAL D 120 22.18 6.89 16.47
C VAL D 120 21.19 7.30 15.40
N ILE D 121 20.94 8.60 15.27
CA ILE D 121 20.16 9.14 14.17
C ILE D 121 21.16 9.68 13.15
N ASP D 122 21.01 9.23 11.90
CA ASP D 122 21.93 9.59 10.82
C ASP D 122 21.47 10.90 10.17
N PRO D 123 22.40 11.60 9.50
CA PRO D 123 22.11 12.86 8.80
C PRO D 123 21.44 12.70 7.42
N ARG D 124 20.74 13.75 6.97
CA ARG D 124 20.05 13.67 5.70
C ARG D 124 21.03 13.70 4.55
#